data_7NTH
#
_entry.id   7NTH
#
_cell.length_a   58.421
_cell.length_b   134.783
_cell.length_c   145.449
_cell.angle_alpha   90.000
_cell.angle_beta   90.000
_cell.angle_gamma   90.000
#
_symmetry.space_group_name_H-M   'I 2 2 2'
#
loop_
_entity.id
_entity.type
_entity.pdbx_description
1 polymer 'Mitogen-activated protein kinase kinase kinase 7,TGF-beta-activated kinase 1 and MAP3K7-binding protein 1'
2 non-polymer GLYCEROL
3 non-polymer 'DIMETHYL SULFOXIDE'
4 non-polymer 2-[[5-[[2-[bis(fluoranyl)methoxy]phenyl]methyl-[(2~{R})-1-(methylamino)-1-oxidanylidene-propan-2-yl]carbamoyl]-1~{H}-imidazol-2-yl]carbonyl]isoindole-5-carboxamide
5 water water
#
_entity_poly.entity_id   1
_entity_poly.type   'polypeptide(L)'
_entity_poly.pdbx_seq_one_letter_code
;GSLHMIDYKEIEVEEVVGRGAFGVVCKAKWRAKDVAIKQIESESERKAFIVELRQLSRVNHPNIVKLYGACLNPVCLVME
YAEGGSLYNVLHGAEPLPYYTAAHAMSWCLQCSQGVAYLHSMQPKALIHRDLKPPNLLLVAGGTVLKICDFGTACDIQTH
MTNNKGSAAWMAPEVFEGSNYSEKCDVFSWGIILWEVITRRKPFDEIGGPAFRIMWAVHNGTRPPLIKNLPKPIESLMTR
CWSKDPSQRPSMEEIVKIMTHLMRYFPGADEPLQYPCQHSLPPGEDGRVEPYVDFAEFYRLWSVDHGEQSVVTAP
;
_entity_poly.pdbx_strand_id   A
#
loop_
_chem_comp.id
_chem_comp.type
_chem_comp.name
_chem_comp.formula
DMS non-polymer 'DIMETHYL SULFOXIDE' 'C2 H6 O S'
GOL non-polymer GLYCEROL 'C3 H8 O3'
URW non-polymer 2-[[5-[[2-[bis(fluoranyl)methoxy]phenyl]methyl-[(2~{R})-1-(methylamino)-1-oxidanylidene-propan-2-yl]carbamoyl]-1~{H}-imidazol-2-yl]carbonyl]isoindole-5-carboxamide 'C26 H24 F2 N6 O5'
#
# COMPACT_ATOMS: atom_id res chain seq x y z
N GLY A 1 15.35 -3.92 -19.07
CA GLY A 1 15.05 -5.35 -18.84
C GLY A 1 14.13 -5.93 -19.90
N SER A 2 14.16 -7.26 -19.99
CA SER A 2 13.39 -8.02 -20.97
C SER A 2 11.85 -7.76 -20.92
N LEU A 3 11.19 -7.78 -22.10
CA LEU A 3 9.71 -7.85 -22.24
C LEU A 3 9.27 -8.65 -23.48
N HIS A 4 8.26 -9.50 -23.32
CA HIS A 4 7.61 -10.12 -24.46
C HIS A 4 6.83 -9.05 -25.20
N MET A 5 7.13 -8.87 -26.48
CA MET A 5 6.19 -8.17 -27.37
C MET A 5 5.12 -9.17 -27.63
N ILE A 6 3.86 -8.75 -27.45
CA ILE A 6 2.73 -9.66 -27.45
C ILE A 6 1.80 -9.19 -28.54
N ASP A 7 1.23 -10.16 -29.26
CA ASP A 7 0.29 -9.87 -30.32
C ASP A 7 -1.09 -9.80 -29.67
N TYR A 8 -1.79 -8.67 -29.85
CA TYR A 8 -3.12 -8.42 -29.24
C TYR A 8 -4.17 -9.52 -29.52
N LYS A 9 -4.06 -10.16 -30.67
CA LYS A 9 -5.00 -11.19 -31.10
C LYS A 9 -4.86 -12.53 -30.36
N GLU A 10 -3.73 -12.78 -29.68
CA GLU A 10 -3.54 -14.05 -28.92
C GLU A 10 -3.88 -13.91 -27.43
N ILE A 11 -4.50 -12.77 -27.05
CA ILE A 11 -5.07 -12.55 -25.70
C ILE A 11 -6.59 -12.37 -25.76
N GLU A 12 -7.31 -12.93 -24.78
CA GLU A 12 -8.78 -12.86 -24.68
C GLU A 12 -9.26 -11.91 -23.57
N VAL A 13 -9.66 -10.69 -23.93
CA VAL A 13 -10.14 -9.70 -22.96
C VAL A 13 -11.44 -10.17 -22.32
N GLU A 14 -11.36 -10.44 -21.03
CA GLU A 14 -12.48 -10.92 -20.23
C GLU A 14 -13.09 -9.69 -19.50
N GLU A 15 -13.81 -9.97 -18.42
CA GLU A 15 -14.23 -9.01 -17.35
C GLU A 15 -13.23 -7.86 -17.01
N VAL A 16 -13.71 -6.61 -17.03
CA VAL A 16 -13.05 -5.48 -16.35
C VAL A 16 -13.02 -5.76 -14.84
N VAL A 17 -11.84 -5.65 -14.21
CA VAL A 17 -11.70 -5.85 -12.75
C VAL A 17 -11.59 -4.55 -11.94
N GLY A 18 -11.19 -3.47 -12.59
CA GLY A 18 -11.24 -2.13 -11.97
C GLY A 18 -10.29 -1.19 -12.70
N ARG A 19 -10.41 0.10 -12.38
CA ARG A 19 -9.44 1.09 -12.82
C ARG A 19 -8.26 1.18 -11.86
N GLY A 20 -7.09 1.38 -12.47
CA GLY A 20 -5.88 1.67 -11.74
C GLY A 20 -5.88 3.15 -11.53
N ALA A 21 -4.77 3.62 -10.99
CA ALA A 21 -4.50 5.04 -10.85
C ALA A 21 -4.68 5.74 -12.19
N PHE A 22 -4.23 5.09 -13.26
CA PHE A 22 -4.61 5.43 -14.62
C PHE A 22 -4.98 4.13 -15.26
N GLY A 23 -5.73 4.23 -16.37
CA GLY A 23 -6.07 3.09 -17.20
C GLY A 23 -7.23 2.29 -16.66
N VAL A 24 -7.44 1.13 -17.26
CA VAL A 24 -8.47 0.21 -16.85
C VAL A 24 -7.86 -1.17 -16.99
N VAL A 25 -8.26 -2.09 -16.10
CA VAL A 25 -7.60 -3.38 -16.02
C VAL A 25 -8.66 -4.43 -16.18
N CYS A 26 -8.34 -5.50 -16.90
CA CYS A 26 -9.30 -6.57 -17.16
C CYS A 26 -8.61 -7.85 -16.87
N LYS A 27 -9.35 -8.84 -16.38
CA LYS A 27 -8.87 -10.21 -16.37
C LYS A 27 -8.79 -10.68 -17.82
N ALA A 28 -7.98 -11.70 -18.10
CA ALA A 28 -7.78 -12.20 -19.46
C ALA A 28 -6.93 -13.46 -19.50
N LYS A 29 -6.86 -14.04 -20.71
CA LYS A 29 -6.08 -15.24 -20.99
C LYS A 29 -4.95 -14.91 -21.99
N TRP A 30 -3.78 -15.55 -21.82
CA TRP A 30 -2.68 -15.44 -22.77
C TRP A 30 -1.84 -16.71 -22.67
N ARG A 31 -1.85 -17.52 -23.73
CA ARG A 31 -1.39 -18.92 -23.64
C ARG A 31 -2.13 -19.66 -22.52
N ALA A 32 -3.46 -19.49 -22.49
CA ALA A 32 -4.33 -20.05 -21.46
C ALA A 32 -3.81 -19.85 -20.02
N LYS A 33 -3.27 -18.66 -19.76
CA LYS A 33 -2.77 -18.27 -18.44
C LYS A 33 -3.61 -17.12 -17.88
N ASP A 34 -3.78 -17.09 -16.56
CA ASP A 34 -4.45 -15.98 -15.90
C ASP A 34 -3.55 -14.76 -15.93
N VAL A 35 -4.13 -13.66 -16.44
CA VAL A 35 -3.38 -12.49 -16.83
C VAL A 35 -4.27 -11.28 -16.68
N ALA A 36 -3.71 -10.17 -16.25
CA ALA A 36 -4.41 -8.89 -16.23
C ALA A 36 -3.85 -8.01 -17.31
N ILE A 37 -4.72 -7.30 -18.02
CA ILE A 37 -4.28 -6.38 -19.06
C ILE A 37 -4.70 -4.99 -18.66
N LYS A 38 -3.82 -4.01 -18.90
CA LYS A 38 -4.10 -2.65 -18.58
C LYS A 38 -4.03 -1.84 -19.87
N GLN A 39 -5.09 -1.10 -20.19
CA GLN A 39 -5.18 -0.30 -21.42
C GLN A 39 -5.48 1.11 -21.01
N ILE A 40 -4.98 2.07 -21.78
CA ILE A 40 -5.31 3.46 -21.52
C ILE A 40 -6.75 3.76 -22.00
N GLU A 41 -7.42 4.66 -21.29
CA GLU A 41 -8.81 5.01 -21.54
C GLU A 41 -8.83 6.14 -22.55
N SER A 42 -8.15 7.23 -22.20
CA SER A 42 -8.02 8.37 -23.08
C SER A 42 -6.55 8.50 -23.48
N GLU A 43 -6.28 9.47 -24.35
CA GLU A 43 -4.93 9.73 -24.84
C GLU A 43 -4.04 10.39 -23.78
N SER A 44 -4.65 11.14 -22.85
CA SER A 44 -3.92 11.76 -21.72
C SER A 44 -3.14 10.80 -20.79
N GLU A 45 -3.47 9.51 -20.83
CA GLU A 45 -2.80 8.48 -20.05
C GLU A 45 -1.62 7.82 -20.74
N ARG A 46 -1.32 8.20 -21.98
CA ARG A 46 -0.25 7.52 -22.74
C ARG A 46 1.13 7.75 -22.08
N LYS A 47 1.34 8.92 -21.48
CA LYS A 47 2.60 9.23 -20.78
C LYS A 47 2.81 8.32 -19.57
N ALA A 48 1.82 8.31 -18.68
CA ALA A 48 1.77 7.37 -17.55
C ALA A 48 2.06 5.91 -18.01
N PHE A 49 1.44 5.54 -19.12
CA PHE A 49 1.60 4.21 -19.70
C PHE A 49 3.07 3.91 -20.04
N ILE A 50 3.81 4.90 -20.55
CA ILE A 50 5.19 4.67 -20.98
C ILE A 50 6.14 4.58 -19.79
N VAL A 51 5.98 5.53 -18.86
CA VAL A 51 6.65 5.49 -17.55
C VAL A 51 6.50 4.11 -16.92
N GLU A 52 5.24 3.69 -16.71
CA GLU A 52 4.98 2.41 -16.07
C GLU A 52 5.72 1.27 -16.79
N LEU A 53 5.57 1.23 -18.11
CA LEU A 53 6.24 0.25 -18.97
C LEU A 53 7.74 0.24 -18.79
N ARG A 54 8.35 1.42 -18.89
CA ARG A 54 9.78 1.53 -18.69
C ARG A 54 10.20 1.11 -17.27
N GLN A 55 9.53 1.65 -16.24
CA GLN A 55 9.86 1.36 -14.85
C GLN A 55 9.65 -0.12 -14.50
N LEU A 56 8.50 -0.67 -14.87
CA LEU A 56 8.16 -2.04 -14.48
C LEU A 56 8.97 -3.11 -15.18
N SER A 57 9.52 -2.78 -16.34
CA SER A 57 10.31 -3.74 -17.11
C SER A 57 11.67 -3.94 -16.47
N ARG A 58 12.11 -2.94 -15.70
CA ARG A 58 13.35 -3.04 -14.93
C ARG A 58 13.23 -3.82 -13.62
N VAL A 59 12.04 -3.99 -13.05
CA VAL A 59 11.91 -4.52 -11.67
C VAL A 59 11.47 -5.97 -11.59
N ASN A 60 12.02 -6.70 -10.65
CA ASN A 60 11.61 -8.06 -10.36
C ASN A 60 11.69 -8.24 -8.84
N HIS A 61 10.53 -8.36 -8.19
CA HIS A 61 10.50 -8.52 -6.74
C HIS A 61 9.18 -9.16 -6.35
N PRO A 62 9.22 -10.05 -5.36
CA PRO A 62 7.99 -10.73 -4.95
C PRO A 62 6.89 -9.85 -4.39
N ASN A 63 7.18 -8.63 -3.95
CA ASN A 63 6.13 -7.72 -3.52
C ASN A 63 5.84 -6.59 -4.50
N ILE A 64 6.21 -6.79 -5.76
CA ILE A 64 5.83 -5.87 -6.83
C ILE A 64 5.15 -6.69 -7.89
N VAL A 65 4.02 -6.19 -8.41
CA VAL A 65 3.27 -6.92 -9.47
C VAL A 65 4.14 -7.19 -10.72
N LYS A 66 4.17 -8.44 -11.19
CA LYS A 66 4.93 -8.83 -12.39
C LYS A 66 4.35 -8.26 -13.73
N LEU A 67 5.22 -7.67 -14.56
CA LEU A 67 4.92 -7.29 -15.95
C LEU A 67 5.41 -8.40 -16.90
N TYR A 68 4.51 -9.00 -17.68
CA TYR A 68 4.88 -10.07 -18.62
C TYR A 68 5.30 -9.50 -19.97
N GLY A 69 4.56 -8.52 -20.46
CA GLY A 69 4.90 -7.88 -21.70
C GLY A 69 3.97 -6.75 -22.08
N ALA A 70 4.09 -6.36 -23.34
CA ALA A 70 3.24 -5.33 -23.88
C ALA A 70 2.73 -5.66 -25.29
N CYS A 71 1.80 -4.83 -25.73
CA CYS A 71 1.14 -4.89 -27.01
C CYS A 71 1.12 -3.44 -27.45
N LEU A 72 1.79 -3.13 -28.56
CA LEU A 72 1.90 -1.74 -29.01
C LEU A 72 0.81 -1.38 -30.03
N ASN A 73 -0.13 -2.29 -30.27
CA ASN A 73 -1.25 -1.99 -31.16
C ASN A 73 -2.48 -2.87 -30.82
N PRO A 74 -3.46 -2.36 -30.04
CA PRO A 74 -3.40 -1.10 -29.32
C PRO A 74 -2.48 -1.20 -28.09
N VAL A 75 -2.12 -0.04 -27.53
CA VAL A 75 -1.21 0.03 -26.39
C VAL A 75 -1.85 -0.65 -25.16
N CYS A 76 -1.22 -1.73 -24.69
CA CYS A 76 -1.67 -2.44 -23.51
C CYS A 76 -0.54 -3.20 -22.78
N LEU A 77 -0.62 -3.25 -21.44
CA LEU A 77 0.33 -3.98 -20.59
C LEU A 77 -0.26 -5.29 -20.19
N VAL A 78 0.58 -6.30 -20.10
CA VAL A 78 0.13 -7.61 -19.76
C VAL A 78 0.87 -8.05 -18.51
N MET A 79 0.10 -8.22 -17.42
CA MET A 79 0.63 -8.49 -16.08
C MET A 79 0.11 -9.79 -15.50
N GLU A 80 0.69 -10.21 -14.38
CA GLU A 80 0.13 -11.30 -13.56
C GLU A 80 -1.23 -10.93 -12.98
N TYR A 81 -2.14 -11.91 -12.96
CA TYR A 81 -3.42 -11.81 -12.27
C TYR A 81 -3.44 -12.87 -11.21
N ALA A 82 -3.94 -12.55 -10.03
CA ALA A 82 -4.26 -13.59 -9.06
C ALA A 82 -5.52 -13.22 -8.33
N GLU A 83 -6.17 -14.26 -7.79
CA GLU A 83 -7.35 -14.08 -6.95
C GLU A 83 -6.95 -13.22 -5.74
N GLY A 84 -7.79 -12.22 -5.45
CA GLY A 84 -7.61 -11.39 -4.28
C GLY A 84 -8.31 -10.07 -4.48
N GLY A 85 -7.76 -9.00 -3.95
CA GLY A 85 -8.39 -7.69 -3.97
C GLY A 85 -7.42 -6.65 -3.45
N SER A 86 -7.80 -5.39 -3.53
CA SER A 86 -6.95 -4.31 -3.11
C SER A 86 -6.98 -4.29 -1.60
N LEU A 87 -5.91 -3.77 -1.02
CA LEU A 87 -5.87 -3.53 0.39
C LEU A 87 -6.96 -2.60 0.74
N TYR A 88 -7.25 -1.62 -0.12
CA TYR A 88 -8.35 -0.71 0.14
C TYR A 88 -9.67 -1.48 0.38
N ASN A 89 -9.95 -2.48 -0.47
CA ASN A 89 -11.22 -3.20 -0.34
CA ASN A 89 -11.20 -3.27 -0.35
C ASN A 89 -11.20 -4.11 0.93
N VAL A 90 -10.09 -4.76 1.20
CA VAL A 90 -9.93 -5.51 2.45
C VAL A 90 -10.19 -4.64 3.69
N LEU A 91 -9.64 -3.43 3.72
CA LEU A 91 -9.82 -2.59 4.86
C LEU A 91 -11.19 -1.96 4.94
N HIS A 92 -11.62 -1.34 3.84
CA HIS A 92 -12.73 -0.40 3.86
C HIS A 92 -13.87 -0.75 2.88
N GLY A 93 -13.74 -1.86 2.18
CA GLY A 93 -14.59 -2.15 1.03
C GLY A 93 -15.98 -2.63 1.41
N ALA A 94 -16.55 -3.45 0.57
CA ALA A 94 -17.95 -3.86 0.76
C ALA A 94 -18.13 -5.04 1.72
N GLU A 95 -19.30 -5.03 2.37
CA GLU A 95 -19.67 -6.08 3.28
C GLU A 95 -19.72 -7.41 2.50
N PRO A 96 -19.26 -8.52 3.09
CA PRO A 96 -18.67 -8.60 4.43
C PRO A 96 -17.14 -8.37 4.45
N LEU A 97 -16.70 -7.53 5.36
CA LEU A 97 -15.28 -7.25 5.56
C LEU A 97 -14.62 -8.43 6.28
N PRO A 98 -13.37 -8.76 5.93
CA PRO A 98 -12.72 -9.83 6.66
C PRO A 98 -12.17 -9.36 8.01
N TYR A 99 -12.18 -10.26 8.99
CA TYR A 99 -11.39 -10.15 10.20
C TYR A 99 -9.91 -10.28 9.79
N TYR A 100 -9.07 -9.44 10.37
CA TYR A 100 -7.64 -9.68 10.31
C TYR A 100 -6.99 -9.30 11.65
N THR A 101 -5.75 -9.74 11.83
CA THR A 101 -5.03 -9.60 13.08
C THR A 101 -3.88 -8.62 13.03
N ALA A 102 -3.36 -8.26 14.20
CA ALA A 102 -2.11 -7.50 14.30
C ALA A 102 -1.01 -8.09 13.43
N ALA A 103 -0.91 -9.41 13.37
CA ALA A 103 0.11 -10.05 12.57
C ALA A 103 -0.05 -9.80 11.08
N HIS A 104 -1.29 -9.84 10.58
CA HIS A 104 -1.57 -9.49 9.22
C HIS A 104 -1.17 -8.02 8.96
N ALA A 105 -1.58 -7.11 9.85
CA ALA A 105 -1.34 -5.69 9.67
C ALA A 105 0.14 -5.35 9.56
N MET A 106 0.93 -5.97 10.45
CA MET A 106 2.36 -5.75 10.50
C MET A 106 3.05 -6.44 9.33
N SER A 107 2.64 -7.63 8.99
CA SER A 107 3.18 -8.32 7.83
C SER A 107 2.90 -7.57 6.52
N TRP A 108 1.69 -7.03 6.36
CA TRP A 108 1.39 -6.28 5.13
C TRP A 108 2.35 -5.08 4.98
N CYS A 109 2.56 -4.36 6.07
CA CYS A 109 3.45 -3.24 6.11
C CYS A 109 4.92 -3.68 5.93
N LEU A 110 5.35 -4.77 6.57
CA LEU A 110 6.71 -5.29 6.27
C LEU A 110 6.85 -5.56 4.76
N GLN A 111 5.88 -6.21 4.17
CA GLN A 111 5.97 -6.59 2.77
C GLN A 111 6.02 -5.36 1.82
N CYS A 112 5.23 -4.35 2.11
CA CYS A 112 5.30 -3.12 1.33
C CYS A 112 6.69 -2.47 1.48
N SER A 113 7.24 -2.44 2.70
CA SER A 113 8.57 -1.86 2.94
C SER A 113 9.62 -2.64 2.20
N GLN A 114 9.50 -3.96 2.09
CA GLN A 114 10.46 -4.74 1.32
C GLN A 114 10.46 -4.40 -0.19
N GLY A 115 9.29 -4.26 -0.76
CA GLY A 115 9.18 -3.89 -2.17
C GLY A 115 9.68 -2.47 -2.41
N VAL A 116 9.38 -1.54 -1.52
CA VAL A 116 9.84 -0.20 -1.68
C VAL A 116 11.36 -0.08 -1.45
N ALA A 117 11.92 -0.87 -0.54
CA ALA A 117 13.38 -0.81 -0.31
C ALA A 117 14.10 -1.32 -1.55
N TYR A 118 13.51 -2.29 -2.23
CA TYR A 118 14.07 -2.74 -3.49
C TYR A 118 14.05 -1.60 -4.48
N LEU A 119 12.91 -0.91 -4.59
CA LEU A 119 12.81 0.21 -5.50
C LEU A 119 13.84 1.29 -5.17
N HIS A 120 13.98 1.61 -3.91
CA HIS A 120 14.94 2.63 -3.52
C HIS A 120 16.41 2.19 -3.67
N SER A 121 16.68 0.90 -3.83
CA SER A 121 18.05 0.43 -4.00
C SER A 121 18.46 0.33 -5.46
N MET A 122 17.58 0.73 -6.36
CA MET A 122 17.89 0.67 -7.79
C MET A 122 19.05 1.60 -8.16
N GLN A 123 19.86 1.14 -9.11
CA GLN A 123 21.03 1.89 -9.61
C GLN A 123 20.81 2.28 -11.09
N PRO A 124 21.20 3.49 -11.50
CA PRO A 124 21.99 4.45 -10.71
C PRO A 124 21.20 5.36 -9.81
N LYS A 125 19.90 5.44 -10.03
CA LYS A 125 19.05 6.23 -9.16
C LYS A 125 17.88 5.38 -8.61
N ALA A 126 17.52 5.68 -7.36
CA ALA A 126 16.30 5.17 -6.74
C ALA A 126 15.08 5.32 -7.66
N LEU A 127 14.26 4.29 -7.69
CA LEU A 127 12.95 4.38 -8.30
C LEU A 127 12.04 4.76 -7.14
N ILE A 128 11.46 5.96 -7.19
CA ILE A 128 10.50 6.42 -6.18
C ILE A 128 9.09 6.04 -6.70
N HIS A 129 8.27 5.44 -5.84
CA HIS A 129 6.94 5.03 -6.25
C HIS A 129 6.01 6.24 -6.42
N ARG A 130 5.97 7.08 -5.38
CA ARG A 130 5.29 8.35 -5.36
C ARG A 130 3.78 8.29 -5.13
N ASP A 131 3.20 7.10 -5.14
CA ASP A 131 1.74 6.97 -4.93
C ASP A 131 1.40 5.72 -4.14
N LEU A 132 2.07 5.57 -2.99
CA LEU A 132 1.77 4.45 -2.10
C LEU A 132 0.50 4.76 -1.31
N LYS A 133 -0.48 3.88 -1.46
CA LYS A 133 -1.76 4.02 -0.78
C LYS A 133 -2.50 2.73 -0.96
N PRO A 134 -3.47 2.48 -0.09
CA PRO A 134 -4.06 1.12 -0.16
C PRO A 134 -4.80 0.74 -1.48
N PRO A 135 -5.36 1.72 -2.22
CA PRO A 135 -5.93 1.33 -3.54
C PRO A 135 -4.89 0.81 -4.55
N ASN A 136 -3.60 1.14 -4.36
CA ASN A 136 -2.52 0.67 -5.26
C ASN A 136 -1.74 -0.55 -4.76
N LEU A 137 -2.25 -1.19 -3.72
CA LEU A 137 -1.63 -2.34 -3.11
C LEU A 137 -2.62 -3.48 -3.23
N LEU A 138 -2.17 -4.58 -3.77
CA LEU A 138 -2.98 -5.73 -4.00
C LEU A 138 -2.60 -6.82 -2.98
N LEU A 139 -3.63 -7.46 -2.41
CA LEU A 139 -3.50 -8.68 -1.62
C LEU A 139 -3.91 -9.91 -2.41
N VAL A 140 -3.04 -10.90 -2.36
CA VAL A 140 -3.22 -12.17 -3.00
C VAL A 140 -2.93 -13.26 -1.95
N ALA A 141 -3.03 -14.53 -2.35
CA ALA A 141 -2.78 -15.68 -1.47
C ALA A 141 -3.60 -15.64 -0.17
N GLY A 142 -4.90 -15.45 -0.34
CA GLY A 142 -5.83 -15.46 0.79
C GLY A 142 -5.62 -14.29 1.72
N GLY A 143 -5.11 -13.17 1.16
CA GLY A 143 -4.85 -11.95 1.90
C GLY A 143 -3.53 -11.91 2.70
N THR A 144 -2.63 -12.85 2.44
CA THR A 144 -1.37 -12.92 3.17
C THR A 144 -0.19 -12.23 2.44
N VAL A 145 -0.27 -12.10 1.10
CA VAL A 145 0.84 -11.59 0.29
C VAL A 145 0.44 -10.27 -0.35
N LEU A 146 1.31 -9.28 -0.20
CA LEU A 146 1.07 -7.94 -0.69
C LEU A 146 1.96 -7.64 -1.87
N LYS A 147 1.34 -7.08 -2.93
CA LYS A 147 2.04 -6.67 -4.15
C LYS A 147 1.79 -5.22 -4.42
N ILE A 148 2.85 -4.48 -4.65
CA ILE A 148 2.75 -3.10 -5.06
C ILE A 148 2.40 -2.97 -6.57
N CYS A 149 1.48 -2.07 -6.88
CA CYS A 149 1.04 -1.78 -8.28
C CYS A 149 1.10 -0.28 -8.51
N ASP A 150 0.78 0.07 -9.75
CA ASP A 150 0.64 1.45 -10.23
C ASP A 150 1.90 2.31 -10.16
N PHE A 151 2.76 2.06 -11.15
CA PHE A 151 4.05 2.69 -11.32
C PHE A 151 4.04 3.75 -12.42
N GLY A 152 2.91 4.41 -12.63
CA GLY A 152 2.81 5.43 -13.67
C GLY A 152 3.19 6.84 -13.25
N THR A 153 3.58 7.05 -11.99
CA THR A 153 3.81 8.39 -11.45
C THR A 153 5.29 8.72 -11.50
N GLY A 166 -6.75 11.98 -5.89
CA GLY A 166 -7.26 11.52 -4.62
C GLY A 166 -6.19 11.04 -3.65
N SER A 167 -4.91 11.32 -3.93
CA SER A 167 -3.82 10.81 -3.10
C SER A 167 -3.31 11.73 -2.01
N ALA A 168 -4.03 12.82 -1.69
CA ALA A 168 -3.49 13.78 -0.74
C ALA A 168 -3.25 13.23 0.67
N ALA A 169 -4.11 12.34 1.14
CA ALA A 169 -4.01 11.79 2.51
C ALA A 169 -2.69 11.03 2.85
N TRP A 170 -1.97 10.58 1.82
CA TRP A 170 -0.76 9.79 1.93
C TRP A 170 0.48 10.52 1.39
N MET A 171 0.34 11.80 1.08
CA MET A 171 1.38 12.52 0.33
C MET A 171 2.26 13.30 1.32
N ALA A 172 3.57 13.13 1.21
CA ALA A 172 4.49 13.94 2.05
C ALA A 172 4.34 15.44 1.69
N PRO A 173 4.38 16.33 2.69
CA PRO A 173 4.10 17.72 2.42
C PRO A 173 5.06 18.39 1.44
N GLU A 174 6.31 17.97 1.39
CA GLU A 174 7.25 18.49 0.42
C GLU A 174 6.85 18.22 -1.03
N VAL A 175 6.06 17.19 -1.29
CA VAL A 175 5.69 16.86 -2.66
C VAL A 175 4.65 17.87 -3.15
N PHE A 176 3.64 18.13 -2.33
CA PHE A 176 2.56 19.04 -2.73
C PHE A 176 2.87 20.48 -2.42
N GLU A 177 3.91 20.75 -1.63
CA GLU A 177 4.47 22.11 -1.57
C GLU A 177 5.30 22.44 -2.81
N GLY A 178 5.37 21.49 -3.75
CA GLY A 178 6.22 21.59 -4.92
C GLY A 178 7.65 21.93 -4.57
N SER A 179 8.18 21.33 -3.52
CA SER A 179 9.62 21.41 -3.28
C SER A 179 10.32 20.32 -4.07
N ASN A 180 11.66 20.33 -4.05
CA ASN A 180 12.40 19.14 -4.43
C ASN A 180 12.14 18.08 -3.35
N TYR A 181 12.12 16.81 -3.76
CA TYR A 181 11.90 15.74 -2.82
C TYR A 181 12.63 14.47 -3.23
N SER A 182 12.74 13.57 -2.27
CA SER A 182 13.53 12.38 -2.44
C SER A 182 12.63 11.18 -2.25
N GLU A 183 13.26 10.01 -2.33
CA GLU A 183 12.67 8.76 -1.92
C GLU A 183 12.04 8.78 -0.49
N LYS A 184 12.43 9.72 0.36
CA LYS A 184 11.77 9.85 1.65
C LYS A 184 10.26 10.12 1.59
N CYS A 185 9.72 10.48 0.43
CA CYS A 185 8.28 10.76 0.34
C CYS A 185 7.49 9.45 0.51
N ASP A 186 8.05 8.37 -0.02
CA ASP A 186 7.51 7.03 0.11
C ASP A 186 7.46 6.56 1.53
N VAL A 187 8.43 6.98 2.33
CA VAL A 187 8.48 6.65 3.74
C VAL A 187 7.36 7.31 4.51
N PHE A 188 7.10 8.57 4.20
CA PHE A 188 5.94 9.28 4.75
C PHE A 188 4.63 8.51 4.44
N SER A 189 4.47 8.09 3.18
CA SER A 189 3.26 7.41 2.76
C SER A 189 3.13 6.06 3.52
N TRP A 190 4.24 5.33 3.67
CA TRP A 190 4.27 4.03 4.36
C TRP A 190 3.84 4.23 5.80
N GLY A 191 4.29 5.29 6.41
CA GLY A 191 3.87 5.59 7.76
C GLY A 191 2.37 5.78 7.90
N ILE A 192 1.76 6.49 6.95
CA ILE A 192 0.31 6.72 7.01
C ILE A 192 -0.42 5.35 6.84
N ILE A 193 0.08 4.52 5.93
CA ILE A 193 -0.47 3.24 5.70
C ILE A 193 -0.37 2.34 6.95
N LEU A 194 0.75 2.41 7.69
CA LEU A 194 0.90 1.69 8.97
C LEU A 194 -0.19 2.08 9.94
N TRP A 195 -0.42 3.38 10.09
CA TRP A 195 -1.55 3.87 10.86
C TRP A 195 -2.93 3.31 10.42
N GLU A 196 -3.12 3.24 9.10
CA GLU A 196 -4.37 2.86 8.49
C GLU A 196 -4.70 1.36 8.70
N VAL A 197 -3.74 0.45 8.53
CA VAL A 197 -4.01 -0.96 8.74
C VAL A 197 -4.20 -1.29 10.23
N ILE A 198 -3.53 -0.57 11.10
CA ILE A 198 -3.65 -0.80 12.54
C ILE A 198 -4.98 -0.34 13.06
N THR A 199 -5.42 0.86 12.65
CA THR A 199 -6.70 1.43 13.09
C THR A 199 -7.92 0.97 12.26
N ARG A 200 -7.68 0.46 11.05
CA ARG A 200 -8.73 0.28 10.02
C ARG A 200 -9.61 1.52 9.75
N ARG A 201 -8.99 2.70 9.79
CA ARG A 201 -9.66 3.99 9.57
CA ARG A 201 -9.68 3.95 9.54
C ARG A 201 -9.04 4.65 8.34
N LYS A 202 -9.83 5.46 7.65
CA LYS A 202 -9.34 6.19 6.47
C LYS A 202 -8.63 7.40 6.97
N PRO A 203 -7.35 7.56 6.60
CA PRO A 203 -6.68 8.76 7.12
C PRO A 203 -7.35 10.07 6.59
N PHE A 204 -7.59 11.01 7.50
CA PHE A 204 -8.18 12.32 7.21
C PHE A 204 -9.58 12.27 6.62
N ASP A 205 -10.35 11.22 6.96
CA ASP A 205 -11.74 11.08 6.54
C ASP A 205 -12.66 12.23 7.04
N GLU A 206 -12.42 12.65 8.28
CA GLU A 206 -13.08 13.75 8.97
C GLU A 206 -12.87 15.14 8.31
N ILE A 207 -11.76 15.34 7.63
CA ILE A 207 -11.50 16.61 6.98
C ILE A 207 -12.24 16.58 5.68
N GLY A 208 -13.36 17.25 5.64
CA GLY A 208 -14.21 17.20 4.47
C GLY A 208 -13.66 18.06 3.35
N GLY A 209 -14.53 18.25 2.37
CA GLY A 209 -14.25 19.18 1.29
C GLY A 209 -13.18 18.66 0.36
N PRO A 210 -12.75 19.53 -0.55
CA PRO A 210 -11.74 19.15 -1.54
C PRO A 210 -10.32 18.94 -0.96
N ALA A 211 -9.42 18.50 -1.82
CA ALA A 211 -8.10 18.00 -1.45
C ALA A 211 -7.20 19.04 -0.81
N PHE A 212 -7.28 20.28 -1.32
CA PHE A 212 -6.51 21.37 -0.76
C PHE A 212 -6.73 21.47 0.76
N ARG A 213 -7.86 21.00 1.27
CA ARG A 213 -8.10 21.03 2.72
C ARG A 213 -7.17 20.04 3.47
N ILE A 214 -6.95 18.86 2.90
CA ILE A 214 -5.99 17.89 3.49
C ILE A 214 -4.57 18.47 3.41
N MET A 215 -4.19 18.89 2.22
CA MET A 215 -2.90 19.57 1.99
C MET A 215 -2.65 20.64 3.02
N TRP A 216 -3.62 21.52 3.21
CA TRP A 216 -3.43 22.60 4.19
C TRP A 216 -3.12 22.02 5.55
N ALA A 217 -3.94 21.05 5.97
CA ALA A 217 -3.83 20.44 7.33
C ALA A 217 -2.44 19.80 7.59
N VAL A 218 -2.00 18.96 6.67
CA VAL A 218 -0.75 18.21 6.73
C VAL A 218 0.45 19.13 6.63
N HIS A 219 0.39 20.07 5.68
CA HIS A 219 1.39 21.16 5.55
C HIS A 219 1.59 21.91 6.85
N ASN A 220 0.50 22.18 7.57
CA ASN A 220 0.58 22.78 8.94
C ASN A 220 0.87 21.83 10.10
N GLY A 221 1.26 20.58 9.83
CA GLY A 221 1.73 19.66 10.87
C GLY A 221 0.69 18.67 11.37
N THR A 222 -0.48 18.64 10.73
CA THR A 222 -1.54 17.72 11.16
C THR A 222 -1.14 16.32 10.74
N ARG A 223 -1.32 15.38 11.66
CA ARG A 223 -1.06 13.97 11.41
C ARG A 223 -2.23 13.13 11.95
N PRO A 224 -2.34 11.86 11.53
CA PRO A 224 -3.44 11.10 12.08
C PRO A 224 -3.32 10.97 13.59
N PRO A 225 -4.43 10.86 14.29
CA PRO A 225 -4.29 10.79 15.78
C PRO A 225 -3.53 9.56 16.31
N LEU A 226 -2.95 9.73 17.49
CA LEU A 226 -2.25 8.68 18.18
C LEU A 226 -3.18 7.53 18.52
N ILE A 227 -2.60 6.34 18.60
CA ILE A 227 -3.37 5.12 18.74
C ILE A 227 -3.25 4.62 20.18
N LYS A 228 -4.39 4.39 20.81
CA LYS A 228 -4.44 3.80 22.16
C LYS A 228 -3.73 2.46 22.28
N ASN A 229 -2.82 2.37 23.24
CA ASN A 229 -2.13 1.13 23.61
C ASN A 229 -1.14 0.67 22.56
N LEU A 230 -0.76 1.53 21.63
CA LEU A 230 0.16 1.11 20.58
C LEU A 230 1.52 0.91 21.24
N PRO A 231 2.19 -0.23 21.02
CA PRO A 231 3.52 -0.37 21.58
C PRO A 231 4.42 0.80 21.16
N LYS A 232 5.22 1.27 22.11
CA LYS A 232 6.17 2.36 21.84
C LYS A 232 7.16 2.09 20.73
N PRO A 233 7.69 0.87 20.60
CA PRO A 233 8.54 0.60 19.44
C PRO A 233 7.84 0.82 18.07
N ILE A 234 6.54 0.55 17.99
CA ILE A 234 5.81 0.76 16.73
C ILE A 234 5.46 2.23 16.60
N GLU A 235 4.96 2.84 17.66
CA GLU A 235 4.65 4.24 17.66
C GLU A 235 5.81 5.10 17.23
N SER A 236 6.97 4.84 17.83
CA SER A 236 8.19 5.56 17.51
C SER A 236 8.52 5.43 15.99
N LEU A 237 8.45 4.24 15.43
CA LEU A 237 8.70 4.08 14.01
C LEU A 237 7.70 4.92 13.14
N MET A 238 6.43 4.76 13.44
CA MET A 238 5.34 5.43 12.74
CA MET A 238 5.34 5.43 12.74
C MET A 238 5.55 6.94 12.72
N THR A 239 5.76 7.52 13.89
CA THR A 239 5.87 8.98 13.98
C THR A 239 7.15 9.50 13.35
N ARG A 240 8.23 8.70 13.30
CA ARG A 240 9.45 9.17 12.62
C ARG A 240 9.20 9.22 11.15
N CYS A 241 8.43 8.28 10.66
CA CYS A 241 8.14 8.17 9.23
C CYS A 241 7.35 9.39 8.72
N TRP A 242 6.56 9.99 9.60
CA TRP A 242 5.80 11.13 9.14
CA TRP A 242 5.69 11.13 9.40
C TRP A 242 6.33 12.47 9.63
N SER A 243 7.63 12.48 9.99
CA SER A 243 8.34 13.72 10.30
C SER A 243 8.23 14.69 9.12
N LYS A 244 7.90 15.92 9.47
CA LYS A 244 7.95 17.06 8.55
C LYS A 244 9.23 17.11 7.78
N ASP A 245 10.33 17.03 8.49
CA ASP A 245 11.65 17.06 7.87
C ASP A 245 12.00 15.65 7.31
N PRO A 246 12.15 15.55 5.97
CA PRO A 246 12.43 14.24 5.41
C PRO A 246 13.70 13.60 5.89
N SER A 247 14.67 14.38 6.37
CA SER A 247 15.96 13.80 6.74
C SER A 247 15.89 13.03 8.07
N GLN A 248 14.86 13.33 8.87
CA GLN A 248 14.58 12.62 10.12
C GLN A 248 13.72 11.35 9.96
N ARG A 249 13.29 11.04 8.73
CA ARG A 249 12.53 9.81 8.44
C ARG A 249 13.54 8.72 8.21
N PRO A 250 13.24 7.49 8.64
CA PRO A 250 14.17 6.42 8.38
C PRO A 250 14.19 6.07 6.93
N SER A 251 15.27 5.44 6.51
CA SER A 251 15.27 4.87 5.19
C SER A 251 14.38 3.64 5.19
N MET A 252 13.99 3.21 4.01
CA MET A 252 13.23 2.01 3.87
C MET A 252 13.99 0.78 4.30
N GLU A 253 15.31 0.78 4.15
CA GLU A 253 16.10 -0.36 4.60
C GLU A 253 16.02 -0.51 6.13
N GLU A 254 16.06 0.62 6.82
CA GLU A 254 15.94 0.64 8.26
C GLU A 254 14.53 0.15 8.67
N ILE A 255 13.50 0.62 7.96
CA ILE A 255 12.14 0.14 8.18
C ILE A 255 12.02 -1.36 8.06
N VAL A 256 12.54 -1.92 6.98
CA VAL A 256 12.54 -3.33 6.78
C VAL A 256 13.19 -4.08 7.98
N LYS A 257 14.32 -3.57 8.46
CA LYS A 257 15.04 -4.18 9.58
C LYS A 257 14.21 -4.15 10.85
N ILE A 258 13.70 -2.98 11.20
CA ILE A 258 12.91 -2.82 12.38
C ILE A 258 11.63 -3.69 12.31
N MET A 259 10.94 -3.69 11.17
CA MET A 259 9.71 -4.44 11.03
C MET A 259 10.01 -5.96 11.04
N THR A 260 11.12 -6.36 10.46
CA THR A 260 11.56 -7.75 10.60
C THR A 260 11.79 -8.18 12.05
N HIS A 261 12.50 -7.38 12.81
CA HIS A 261 12.65 -7.61 14.24
C HIS A 261 11.32 -7.70 14.94
N LEU A 262 10.42 -6.76 14.64
CA LEU A 262 9.14 -6.76 15.34
C LEU A 262 8.28 -7.98 15.05
N MET A 263 8.41 -8.52 13.85
CA MET A 263 7.58 -9.63 13.43
C MET A 263 7.74 -10.92 14.24
N ARG A 264 8.84 -11.06 14.96
CA ARG A 264 9.04 -12.20 15.83
C ARG A 264 8.08 -12.18 16.97
N TYR A 265 7.45 -11.03 17.23
CA TYR A 265 6.39 -10.92 18.20
C TYR A 265 4.96 -10.87 17.59
N PHE A 266 4.84 -11.26 16.32
CA PHE A 266 3.55 -11.27 15.59
C PHE A 266 3.42 -12.53 14.76
N PRO A 267 3.34 -13.70 15.43
CA PRO A 267 3.17 -14.94 14.70
C PRO A 267 1.74 -14.98 14.12
N GLY A 268 1.57 -15.74 13.04
CA GLY A 268 0.23 -15.95 12.43
C GLY A 268 -0.10 -15.13 11.19
N ALA A 269 0.87 -14.43 10.62
CA ALA A 269 0.65 -13.66 9.36
C ALA A 269 0.40 -14.54 8.14
N ASP A 270 0.79 -15.82 8.20
CA ASP A 270 0.51 -16.79 7.11
C ASP A 270 -0.90 -17.38 7.16
N GLU A 271 -1.71 -17.03 8.18
CA GLU A 271 -3.12 -17.45 8.20
C GLU A 271 -3.99 -16.70 7.15
N PRO A 272 -4.79 -17.45 6.38
CA PRO A 272 -5.66 -16.77 5.43
C PRO A 272 -6.73 -15.99 6.13
N LEU A 273 -7.20 -14.95 5.44
CA LEU A 273 -8.34 -14.19 5.89
C LEU A 273 -9.56 -15.08 5.56
N GLN A 274 -10.30 -15.45 6.58
CA GLN A 274 -11.35 -16.44 6.42
C GLN A 274 -12.60 -16.21 7.21
N TYR A 275 -12.61 -15.23 8.10
CA TYR A 275 -13.70 -14.97 8.99
C TYR A 275 -14.21 -13.60 8.69
N PRO A 276 -15.54 -13.42 8.71
CA PRO A 276 -16.11 -12.07 8.52
C PRO A 276 -16.17 -11.33 9.84
N CYS A 277 -16.16 -10.01 9.77
CA CYS A 277 -16.10 -9.08 10.91
CA CYS A 277 -16.22 -9.16 10.97
C CYS A 277 -17.25 -8.06 10.74
N GLN A 278 -17.91 -7.67 11.82
N GLN A 278 -17.82 -7.55 11.83
CA GLN A 278 -18.90 -6.56 11.79
CA GLN A 278 -18.81 -6.48 11.77
C GLN A 278 -18.24 -5.29 12.32
C GLN A 278 -18.55 -5.42 12.84
N HIS A 279 -17.46 -4.61 11.47
N HIS A 279 -17.56 -5.73 13.68
CA HIS A 279 -16.52 -3.65 11.99
CA HIS A 279 -16.88 -4.77 14.53
C HIS A 279 -17.20 -2.31 12.25
C HIS A 279 -17.12 -3.36 14.03
N SER A 280 -17.59 -2.11 13.50
N SER A 280 -17.81 -2.58 14.85
CA SER A 280 -18.11 -0.84 13.94
CA SER A 280 -18.10 -1.20 14.48
C SER A 280 -16.99 -0.06 14.62
C SER A 280 -16.99 -0.27 14.96
N LEU A 281 -16.50 0.97 13.92
N LEU A 281 -16.63 0.71 14.14
CA LEU A 281 -15.42 1.80 14.42
CA LEU A 281 -15.55 1.66 14.46
C LEU A 281 -15.89 2.66 15.61
C LEU A 281 -15.95 2.58 15.63
N PRO A 282 -15.37 2.36 16.83
CA PRO A 282 -15.83 3.09 18.03
C PRO A 282 -15.30 4.54 18.11
N PRO A 283 -16.19 5.57 18.08
CA PRO A 283 -15.70 6.97 18.13
C PRO A 283 -14.82 7.28 19.36
N GLY A 284 -13.49 7.14 19.20
CA GLY A 284 -12.53 7.50 20.25
C GLY A 284 -12.47 9.01 20.40
N GLU A 285 -11.95 9.67 19.36
CA GLU A 285 -12.11 11.12 19.08
C GLU A 285 -11.68 12.19 20.10
N ASP A 286 -11.21 11.79 21.29
CA ASP A 286 -10.61 12.74 22.25
C ASP A 286 -9.11 12.80 21.96
N GLY A 287 -8.77 13.06 20.69
CA GLY A 287 -7.40 13.04 20.22
C GLY A 287 -6.70 11.69 20.14
N ARG A 288 -7.38 10.58 20.45
CA ARG A 288 -6.81 9.22 20.34
C ARG A 288 -7.81 8.19 19.83
N VAL A 289 -7.34 7.26 19.01
CA VAL A 289 -8.19 6.20 18.47
C VAL A 289 -7.75 4.84 18.95
N GLU A 290 -8.71 3.92 18.98
CA GLU A 290 -8.46 2.53 19.27
C GLU A 290 -7.86 1.85 18.05
N PRO A 291 -6.91 0.93 18.29
CA PRO A 291 -6.54 0.05 17.20
C PRO A 291 -7.68 -0.90 16.89
N TYR A 292 -7.85 -1.20 15.63
CA TYR A 292 -8.68 -2.30 15.21
C TYR A 292 -8.04 -3.62 15.69
N VAL A 293 -6.74 -3.73 15.50
CA VAL A 293 -6.05 -4.97 15.85
C VAL A 293 -5.79 -5.01 17.35
N ASP A 294 -5.36 -6.17 17.83
CA ASP A 294 -5.08 -6.32 19.24
C ASP A 294 -3.61 -6.54 19.58
N PHE A 295 -3.09 -5.80 20.57
CA PHE A 295 -1.67 -5.92 20.94
C PHE A 295 -1.33 -6.71 22.23
N ALA A 296 -2.33 -7.30 22.90
CA ALA A 296 -2.07 -7.99 24.19
C ALA A 296 -1.10 -9.12 24.03
N GLU A 297 -1.18 -9.83 22.91
CA GLU A 297 -0.31 -10.93 22.69
C GLU A 297 1.12 -10.42 22.42
N PHE A 298 1.24 -9.33 21.67
CA PHE A 298 2.55 -8.73 21.46
C PHE A 298 3.26 -8.45 22.80
N TYR A 299 2.55 -7.78 23.70
CA TYR A 299 3.07 -7.40 25.00
C TYR A 299 3.43 -8.63 25.82
N ARG A 300 2.60 -9.66 25.77
CA ARG A 300 2.91 -10.92 26.43
C ARG A 300 4.17 -11.49 25.86
N LEU A 301 4.27 -11.58 24.55
CA LEU A 301 5.45 -12.20 23.97
C LEU A 301 6.70 -11.34 24.16
N TRP A 302 6.52 -10.04 24.27
CA TRP A 302 7.70 -9.22 24.41
C TRP A 302 8.26 -9.40 25.81
N SER A 303 7.38 -9.38 26.81
CA SER A 303 7.75 -9.58 28.23
C SER A 303 8.42 -10.94 28.48
N VAL A 304 8.06 -11.96 27.71
CA VAL A 304 8.72 -13.22 27.84
C VAL A 304 10.21 -13.05 27.54
N ASP A 305 10.54 -12.40 26.43
CA ASP A 305 11.95 -12.05 26.08
C ASP A 305 12.65 -11.00 26.94
N HIS A 306 11.93 -9.98 27.42
CA HIS A 306 12.47 -8.77 28.09
C HIS A 306 11.92 -8.56 29.52
N GLY A 307 11.76 -9.64 30.30
CA GLY A 307 11.35 -9.54 31.70
C GLY A 307 9.91 -9.10 31.92
C1 GOL B . -15.65 -12.22 4.69
O1 GOL B . -14.90 -11.50 3.70
C2 GOL B . -15.01 -13.56 5.10
O2 GOL B . -13.60 -13.40 5.07
C3 GOL B . -15.27 -14.68 4.13
O3 GOL B . -14.02 -15.25 3.71
C1 GOL C . 10.63 -14.48 20.69
O1 GOL C . 9.86 -15.63 20.33
C2 GOL C . 11.61 -14.26 19.56
O2 GOL C . 12.40 -13.10 19.83
C3 GOL C . 12.50 -15.48 19.40
O3 GOL C . 12.66 -15.67 18.00
C1 GOL D . 3.16 -15.38 5.50
O1 GOL D . 4.54 -15.74 5.62
C2 GOL D . 3.04 -14.14 4.64
O2 GOL D . 3.86 -13.10 5.18
C3 GOL D . 3.47 -14.44 3.21
O3 GOL D . 4.62 -13.67 2.86
S DMS E . 7.47 -3.01 24.44
O DMS E . 7.07 -3.68 25.70
C1 DMS E . 6.20 -1.97 24.11
C2 DMS E . 8.76 -1.92 24.89
F1 URW F . -4.27 -2.29 -7.60
F1 URW F . -4.56 -4.09 -7.13
C25 URW F . -5.14 -2.86 -6.72
C25 URW F . -5.02 -2.85 -6.81
F URW F . -5.01 -4.22 -6.79
F URW F . -4.83 -2.59 -5.49
O4 URW F . -6.47 -2.53 -7.07
O4 URW F . -6.41 -2.79 -7.11
C20 URW F . -6.92 -2.80 -8.32
C20 URW F . -6.89 -2.96 -8.37
C18 URW F . -6.68 -1.88 -9.34
C18 URW F . -6.64 -2.02 -9.37
C16 URW F . -7.12 -2.12 -10.62
C16 URW F . -7.14 -2.19 -10.63
C19 URW F . -7.59 -3.98 -8.60
C19 URW F . -7.66 -4.06 -8.65
C17 URW F . -8.04 -4.22 -9.89
C17 URW F . -8.19 -4.22 -9.92
C15 URW F . -7.80 -3.29 -10.89
C15 URW F . -7.93 -3.29 -10.91
C14 URW F . -7.88 -4.99 -7.50
C14 URW F . -7.96 -5.05 -7.53
N4 URW F . -9.18 -5.69 -7.62
N4 URW F . -9.25 -5.74 -7.62
C21 URW F . -10.47 -4.98 -7.38
C21 URW F . -10.55 -5.08 -7.36
C23 URW F . -10.99 -5.36 -5.99
C23 URW F . -11.05 -5.46 -5.97
N5 URW F . -12.21 -5.99 -5.87
N5 URW F . -12.38 -5.82 -5.83
C24 URW F . -12.70 -6.41 -4.55
C24 URW F . -12.92 -6.30 -4.54
O3 URW F . -10.31 -5.13 -5.00
O3 URW F . -10.31 -5.48 -4.99
C22 URW F . -10.32 -3.46 -7.42
C22 URW F . -10.45 -3.56 -7.43
C13 URW F . -9.31 -7.01 -7.93
C13 URW F . -9.35 -7.08 -7.92
O2 URW F . -10.40 -7.49 -7.81
O2 URW F . -10.42 -7.59 -7.78
C11 URW F . -8.19 -7.85 -8.35
C11 URW F . -8.20 -7.89 -8.35
N2 URW F . -7.10 -7.39 -8.97
N2 URW F . -7.11 -7.40 -8.97
C12 URW F . -8.10 -9.20 -8.14
C12 URW F . -8.09 -9.23 -8.14
N3 URW F . -6.91 -9.57 -8.66
N3 URW F . -6.90 -9.59 -8.65
C10 URW F . -6.32 -8.48 -9.16
C10 URW F . -6.33 -8.49 -9.16
C9 URW F . -5.00 -8.55 -9.84
C9 URW F . -4.99 -8.54 -9.83
O1 URW F . -4.44 -9.62 -9.99
O1 URW F . -4.43 -9.61 -9.98
N URW F . -4.43 -7.40 -10.36
N URW F . -4.42 -7.39 -10.35
C6 URW F . -4.95 -6.02 -10.24
C6 URW F . -4.96 -6.02 -10.23
C1 URW F . -3.84 -5.23 -10.88
C1 URW F . -3.84 -5.22 -10.87
C7 URW F . -3.16 -7.45 -11.16
C7 URW F . -3.16 -7.45 -11.15
C3 URW F . -2.88 -6.02 -11.38
C3 URW F . -2.88 -6.02 -11.38
C5 URW F . -1.77 -5.49 -12.02
C5 URW F . -1.77 -5.49 -12.02
C4 URW F . -1.68 -4.11 -12.12
C4 URW F . -1.68 -4.11 -12.12
C2 URW F . -2.68 -3.31 -11.60
C2 URW F . -2.68 -3.31 -11.60
C URW F . -3.77 -3.86 -10.97
C URW F . -3.77 -3.86 -10.96
C8 URW F . -2.54 -1.86 -11.71
C8 URW F . -2.54 -1.86 -11.71
O URW F . -1.56 -1.41 -12.25
O URW F . -1.56 -1.41 -12.26
N1 URW F . -3.48 -1.02 -11.16
N1 URW F . -3.48 -1.02 -11.16
#